data_9HHJ
#
_entry.id   9HHJ
#
_cell.length_a   94.942
_cell.length_b   99.482
_cell.length_c   153.448
_cell.angle_alpha   90.00
_cell.angle_beta   90.00
_cell.angle_gamma   90.00
#
_symmetry.space_group_name_H-M   'I 2 2 2'
#
loop_
_entity.id
_entity.type
_entity.pdbx_description
1 polymer 'DUF5060 domain-containing protein'
2 branched beta-D-mannopyranose-(1-4)-beta-D-mannopyranose-(1-4)-beta-D-mannopyranose-(1-4)-beta-D-mannopyranose
3 non-polymer beta-D-mannopyranose
4 non-polymer D-MALATE
5 non-polymer 'TETRAETHYLENE GLYCOL'
6 non-polymer 'TRIETHYLENE GLYCOL'
7 water water
#
_entity_poly.entity_id   1
_entity_poly.type   'polypeptide(L)'
_entity_poly.pdbx_seq_one_letter_code
;ESRYKDNRPLNILGIDISKMELGRYNLFEVSIFLQGSYLNPFDPQEIDVEGIFEDQYGNQYRVPGFFYQEYKRELKNDYE
YLVPVGDPYFKIRFSPINIGSYKFFIKVKDKTGREVSSDKYTIYVKESEKPGYIRVSEKNWRYFKFDNGRQFLPIGANIC
WATSKGTYDYDVWLPKCAENGGNYFRVWLGPSWATFALERESVKEYDLKNAWKLDYVLNLAEKLNMYIMFCFDSYNELRY
QKEGAYPYWEHTPHYEKNGGPLKEPKDFWTNNEMIKYYKNKLRYIVARYGYSTNVFAWEFWNQVDIISPTAFVIGEVKKW
HEDMAKYLNSIDPWKHLITTSFAFSPGKPEIDSISGLNFVQTHIYKSNRYIDALLSLIAYKEKYRKPHLVGEFGLDAGGN
DLWVDPNGYVIHNAIWTTILSGASGTAMSWWWDNHIHPNNLYFHYRALADFVKDINFLEEKFERLTNYKFNVYNREIKVI
GLQGKKYILLWLYNAKEAYQYKKDIPNMDSSKFLGSIELLIKPPIKVIYYDTYRGEKIKELDLDKNVIPIIEFERDLAIK
IELLGEGE
;
_entity_poly.pdbx_strand_id   A
#
loop_
_chem_comp.id
_chem_comp.type
_chem_comp.name
_chem_comp.formula
BMA D-saccharide, beta linking beta-D-mannopyranose 'C6 H12 O6'
MLT non-polymer D-MALATE 'C4 H6 O5'
PG4 non-polymer 'TETRAETHYLENE GLYCOL' 'C8 H18 O5'
PGE non-polymer 'TRIETHYLENE GLYCOL' 'C6 H14 O4'
#
# COMPACT_ATOMS: atom_id res chain seq x y z
N SER A 2 23.56 -3.04 22.18
CA SER A 2 24.06 -4.40 22.01
C SER A 2 23.45 -5.36 23.03
N ARG A 3 22.14 -5.24 23.28
CA ARG A 3 21.47 -6.10 24.24
C ARG A 3 21.52 -7.58 23.84
N TYR A 4 21.70 -7.88 22.55
CA TYR A 4 21.57 -9.24 22.04
C TYR A 4 22.90 -9.82 21.59
N LYS A 5 24.01 -9.42 22.21
CA LYS A 5 25.31 -9.89 21.76
C LYS A 5 25.52 -11.36 22.11
N ASP A 6 26.46 -11.98 21.41
CA ASP A 6 26.91 -13.34 21.70
C ASP A 6 28.39 -13.40 21.35
N ASN A 7 29.12 -14.27 22.05
CA ASN A 7 30.55 -14.41 21.78
C ASN A 7 30.98 -15.86 21.94
N ARG A 8 30.27 -16.75 21.25
CA ARG A 8 30.58 -18.16 21.30
C ARG A 8 30.97 -18.61 19.89
N PRO A 9 31.60 -19.79 19.76
CA PRO A 9 31.94 -20.27 18.42
C PRO A 9 30.69 -20.59 17.62
N LEU A 10 30.71 -20.26 16.35
CA LEU A 10 29.51 -20.32 15.52
C LEU A 10 29.02 -21.76 15.36
N ASN A 11 27.81 -22.04 15.84
CA ASN A 11 27.20 -23.35 15.64
C ASN A 11 25.69 -23.23 15.50
N ILE A 12 25.13 -23.93 14.51
CA ILE A 12 23.69 -24.16 14.53
C ILE A 12 23.37 -25.20 15.60
N LEU A 13 22.40 -24.88 16.45
CA LEU A 13 22.04 -25.75 17.56
C LEU A 13 20.81 -26.59 17.27
N GLY A 14 19.83 -26.04 16.56
CA GLY A 14 18.63 -26.77 16.22
C GLY A 14 17.79 -26.00 15.23
N ILE A 15 17.01 -26.71 14.41
CA ILE A 15 16.11 -26.04 13.49
C ILE A 15 14.74 -26.68 13.58
N ASP A 16 13.71 -25.85 13.42
CA ASP A 16 12.34 -26.32 13.33
C ASP A 16 11.77 -25.87 11.99
N ILE A 17 11.09 -26.79 11.31
CA ILE A 17 10.49 -26.53 10.00
C ILE A 17 8.98 -26.55 10.16
N SER A 18 8.30 -25.50 9.66
CA SER A 18 6.88 -25.35 9.95
C SER A 18 6.04 -26.44 9.29
N LYS A 19 6.41 -26.87 8.10
CA LYS A 19 5.66 -27.88 7.37
C LYS A 19 6.52 -28.43 6.25
N MET A 20 6.33 -29.71 5.93
CA MET A 20 7.06 -30.30 4.83
C MET A 20 6.32 -30.18 3.51
N GLU A 21 5.03 -29.86 3.55
CA GLU A 21 4.21 -29.70 2.35
C GLU A 21 3.33 -28.48 2.50
N LEU A 22 3.26 -27.66 1.44
CA LEU A 22 2.52 -26.42 1.55
C LEU A 22 2.09 -25.97 0.15
N GLY A 23 1.22 -24.96 0.12
CA GLY A 23 0.68 -24.50 -1.14
C GLY A 23 1.50 -23.39 -1.78
N ARG A 24 1.29 -23.24 -3.08
CA ARG A 24 1.92 -22.15 -3.84
C ARG A 24 1.69 -20.82 -3.14
N TYR A 25 2.77 -20.04 -3.01
CA TYR A 25 2.77 -18.71 -2.40
C TYR A 25 2.43 -18.71 -0.92
N ASN A 26 2.43 -19.86 -0.26
CA ASN A 26 2.17 -19.88 1.18
C ASN A 26 3.48 -19.72 1.94
N LEU A 27 3.38 -19.36 3.21
CA LEU A 27 4.57 -19.15 4.05
C LEU A 27 5.17 -20.48 4.47
N PHE A 28 6.46 -20.63 4.21
CA PHE A 28 7.28 -21.72 4.74
C PHE A 28 8.29 -21.10 5.70
N GLU A 29 8.23 -21.47 6.98
CA GLU A 29 9.01 -20.81 8.01
C GLU A 29 9.99 -21.77 8.68
N VAL A 30 11.27 -21.38 8.72
CA VAL A 30 12.31 -22.13 9.43
C VAL A 30 12.70 -21.32 10.66
N SER A 31 12.68 -21.97 11.82
CA SER A 31 13.20 -21.37 13.05
C SER A 31 14.56 -21.99 13.39
N ILE A 32 15.51 -21.14 13.78
CA ILE A 32 16.89 -21.56 13.96
C ILE A 32 17.39 -21.10 15.32
N PHE A 33 17.91 -22.03 16.09
CA PHE A 33 18.60 -21.71 17.33
C PHE A 33 20.08 -21.88 17.06
N LEU A 34 20.86 -20.84 17.37
CA LEU A 34 22.29 -20.90 17.10
C LEU A 34 23.05 -20.15 18.19
N GLN A 35 24.36 -20.34 18.17
CA GLN A 35 25.31 -19.53 18.92
C GLN A 35 26.39 -19.05 17.98
N GLY A 36 27.02 -17.94 18.34
CA GLY A 36 28.06 -17.38 17.51
C GLY A 36 28.59 -16.10 18.12
N SER A 37 29.38 -15.38 17.33
CA SER A 37 29.99 -14.13 17.80
C SER A 37 29.43 -12.99 16.97
N TYR A 38 28.66 -12.13 17.62
CA TYR A 38 28.08 -10.97 16.97
C TYR A 38 27.70 -9.97 18.05
N LEU A 39 27.82 -8.68 17.71
CA LEU A 39 27.40 -7.63 18.62
C LEU A 39 25.98 -7.15 18.35
N ASN A 40 25.45 -7.46 17.19
CA ASN A 40 24.18 -6.91 16.72
C ASN A 40 23.57 -7.92 15.76
N PRO A 41 22.51 -8.63 16.16
CA PRO A 41 21.92 -9.64 15.26
C PRO A 41 21.19 -9.03 14.07
N PHE A 42 21.02 -7.71 14.04
CA PHE A 42 20.39 -7.02 12.92
C PHE A 42 21.38 -6.60 11.85
N ASP A 43 22.67 -6.85 12.08
CA ASP A 43 23.72 -6.37 11.19
C ASP A 43 24.36 -7.58 10.51
N PRO A 44 24.25 -7.70 9.18
CA PRO A 44 24.81 -8.89 8.51
C PRO A 44 26.33 -8.96 8.55
N GLN A 45 27.01 -7.85 8.82
CA GLN A 45 28.46 -7.91 9.04
C GLN A 45 28.80 -8.50 10.41
N GLU A 46 27.85 -8.53 11.33
CA GLU A 46 28.06 -9.22 12.60
C GLU A 46 27.62 -10.68 12.51
N ILE A 47 26.41 -10.94 12.00
CA ILE A 47 25.96 -12.30 11.77
C ILE A 47 25.03 -12.30 10.56
N ASP A 48 25.28 -13.23 9.64
CA ASP A 48 24.56 -13.32 8.37
C ASP A 48 23.94 -14.71 8.26
N VAL A 49 22.63 -14.79 8.50
CA VAL A 49 21.85 -16.02 8.31
C VAL A 49 21.19 -15.96 6.95
N GLU A 50 21.27 -17.05 6.19
CA GLU A 50 20.61 -17.13 4.90
C GLU A 50 20.04 -18.53 4.66
N GLY A 51 18.89 -18.58 4.00
CA GLY A 51 18.34 -19.82 3.47
C GLY A 51 18.46 -19.81 1.95
N ILE A 52 19.03 -20.88 1.41
CA ILE A 52 19.23 -21.05 -0.02
C ILE A 52 18.22 -22.08 -0.50
N PHE A 53 17.26 -21.66 -1.32
CA PHE A 53 16.19 -22.52 -1.81
C PHE A 53 16.33 -22.71 -3.31
N GLU A 54 15.96 -23.90 -3.79
CA GLU A 54 16.04 -24.19 -5.21
C GLU A 54 14.85 -25.05 -5.61
N ASP A 55 14.13 -24.65 -6.66
CA ASP A 55 13.02 -25.45 -7.18
C ASP A 55 13.54 -26.45 -8.22
N GLN A 56 12.63 -27.20 -8.84
CA GLN A 56 13.04 -28.17 -9.86
C GLN A 56 13.32 -27.53 -11.21
N TYR A 57 13.26 -26.21 -11.30
CA TYR A 57 13.35 -25.53 -12.59
C TYR A 57 14.55 -24.59 -12.64
N GLY A 58 15.56 -24.85 -11.82
CA GLY A 58 16.80 -24.10 -11.85
C GLY A 58 16.77 -22.75 -11.15
N ASN A 59 15.63 -22.31 -10.62
CA ASN A 59 15.57 -21.04 -9.92
C ASN A 59 16.12 -21.20 -8.51
N GLN A 60 17.02 -20.30 -8.12
CA GLN A 60 17.57 -20.28 -6.78
C GLN A 60 17.14 -19.00 -6.06
N TYR A 61 16.76 -19.13 -4.80
CA TYR A 61 16.35 -18.02 -3.97
C TYR A 61 17.30 -17.91 -2.79
N ARG A 62 17.78 -16.72 -2.53
CA ARG A 62 18.65 -16.46 -1.39
C ARG A 62 17.89 -15.56 -0.44
N VAL A 63 17.44 -16.12 0.68
CA VAL A 63 16.54 -15.44 1.58
C VAL A 63 17.33 -15.06 2.83
N PRO A 64 17.53 -13.78 3.10
CA PRO A 64 18.19 -13.40 4.35
C PRO A 64 17.31 -13.80 5.52
N GLY A 65 17.95 -14.22 6.60
CA GLY A 65 17.25 -14.54 7.83
C GLY A 65 17.28 -13.36 8.78
N PHE A 66 16.44 -13.45 9.82
CA PHE A 66 16.23 -12.30 10.69
C PHE A 66 16.03 -12.74 12.14
N PHE A 67 16.36 -11.82 13.03
CA PHE A 67 16.25 -12.04 14.47
C PHE A 67 14.82 -11.79 14.92
N TYR A 68 14.33 -12.65 15.83
CA TYR A 68 12.93 -12.73 16.16
C TYR A 68 12.73 -12.99 17.65
N GLN A 69 11.78 -12.26 18.25
CA GLN A 69 11.33 -12.54 19.61
C GLN A 69 9.84 -12.86 19.59
N GLU A 70 9.47 -13.99 20.19
CA GLU A 70 8.06 -14.35 20.33
C GLU A 70 7.40 -13.53 21.43
N TYR A 71 6.16 -13.12 21.19
CA TYR A 71 5.38 -12.43 22.20
C TYR A 71 3.98 -13.03 22.29
N LYS A 72 3.33 -12.75 23.41
CA LYS A 72 1.93 -13.05 23.66
C LYS A 72 1.23 -11.72 23.91
N ARG A 73 0.22 -11.41 23.10
CA ARG A 73 -0.44 -10.12 23.28
C ARG A 73 -1.60 -10.24 24.24
N GLU A 74 -1.88 -9.15 24.94
CA GLU A 74 -3.11 -9.01 25.70
C GLU A 74 -3.56 -7.56 25.65
N LEU A 75 -4.84 -7.34 25.94
CA LEU A 75 -5.41 -6.00 26.01
C LEU A 75 -5.64 -5.66 27.47
N LYS A 76 -4.93 -4.64 27.97
CA LYS A 76 -5.08 -4.18 29.35
C LYS A 76 -6.00 -2.96 29.35
N ASN A 77 -7.30 -3.22 29.57
CA ASN A 77 -8.38 -2.27 29.30
C ASN A 77 -8.18 -1.57 27.96
N ASP A 78 -7.33 -0.56 27.92
CA ASP A 78 -7.30 0.26 26.71
C ASP A 78 -5.93 0.32 26.04
N TYR A 79 -4.99 -0.55 26.40
CA TYR A 79 -3.73 -0.61 25.66
C TYR A 79 -3.28 -2.04 25.47
N GLU A 80 -2.67 -2.27 24.31
CA GLU A 80 -2.03 -3.55 24.01
C GLU A 80 -0.74 -3.68 24.81
N TYR A 81 -0.49 -4.90 25.31
CA TYR A 81 0.68 -5.23 26.09
C TYR A 81 1.24 -6.53 25.54
N LEU A 82 2.52 -6.54 25.20
CA LEU A 82 3.18 -7.72 24.65
C LEU A 82 4.12 -8.31 25.69
N VAL A 83 3.96 -9.60 25.95
CA VAL A 83 4.77 -10.34 26.92
C VAL A 83 5.76 -11.21 26.14
N PRO A 84 7.06 -11.07 26.36
CA PRO A 84 8.02 -11.96 25.66
C PRO A 84 7.84 -13.39 26.10
N VAL A 85 8.00 -14.31 25.14
CA VAL A 85 7.89 -15.75 25.37
C VAL A 85 9.17 -16.40 24.86
N GLY A 86 9.91 -17.04 25.76
CA GLY A 86 11.14 -17.70 25.37
C GLY A 86 12.26 -16.74 25.01
N ASP A 87 13.39 -17.32 24.64
CA ASP A 87 14.54 -16.58 24.14
C ASP A 87 14.33 -16.19 22.68
N PRO A 88 14.92 -15.08 22.25
CA PRO A 88 14.90 -14.74 20.83
C PRO A 88 15.78 -15.70 20.04
N TYR A 89 15.52 -15.77 18.74
CA TYR A 89 16.20 -16.70 17.86
C TYR A 89 16.08 -16.18 16.42
N PHE A 90 16.53 -16.98 15.45
CA PHE A 90 16.52 -16.55 14.07
C PHE A 90 15.46 -17.30 13.26
N LYS A 91 14.96 -16.65 12.23
CA LYS A 91 13.95 -17.25 11.36
C LYS A 91 14.31 -17.01 9.92
N ILE A 92 13.84 -17.89 9.05
CA ILE A 92 13.82 -17.70 7.62
C ILE A 92 12.39 -17.89 7.17
N ARG A 93 11.89 -16.95 6.37
CA ARG A 93 10.53 -17.00 5.85
C ARG A 93 10.58 -17.01 4.33
N PHE A 94 10.01 -18.03 3.72
CA PHE A 94 10.09 -18.27 2.30
C PHE A 94 8.68 -18.48 1.76
N SER A 95 8.51 -18.20 0.47
CA SER A 95 7.23 -18.44 -0.20
C SER A 95 7.55 -18.96 -1.59
N PRO A 96 7.01 -20.12 -1.98
CA PRO A 96 7.34 -20.70 -3.29
C PRO A 96 6.49 -20.18 -4.43
N ILE A 97 7.15 -19.86 -5.54
CA ILE A 97 6.48 -19.37 -6.76
C ILE A 97 6.03 -20.55 -7.60
N ASN A 98 6.96 -21.43 -7.96
CA ASN A 98 6.62 -22.67 -8.66
C ASN A 98 6.13 -23.73 -7.68
N ILE A 99 5.29 -24.64 -8.17
CA ILE A 99 4.93 -25.81 -7.40
C ILE A 99 5.97 -26.89 -7.68
N GLY A 100 5.82 -28.05 -7.04
CA GLY A 100 6.79 -29.12 -7.17
C GLY A 100 7.73 -29.18 -5.99
N SER A 101 8.86 -29.81 -6.21
CA SER A 101 9.82 -30.05 -5.14
C SER A 101 10.81 -28.91 -5.00
N TYR A 102 11.23 -28.66 -3.76
CA TYR A 102 12.29 -27.71 -3.46
C TYR A 102 13.32 -28.39 -2.57
N LYS A 103 14.57 -27.95 -2.70
CA LYS A 103 15.64 -28.30 -1.77
C LYS A 103 16.15 -27.01 -1.14
N PHE A 104 16.45 -27.06 0.15
CA PHE A 104 16.99 -25.86 0.77
C PHE A 104 17.98 -26.22 1.86
N PHE A 105 18.92 -25.30 2.11
CA PHE A 105 19.79 -25.43 3.26
C PHE A 105 19.99 -24.06 3.89
N ILE A 106 20.49 -24.09 5.13
CA ILE A 106 20.75 -22.89 5.92
C ILE A 106 22.25 -22.64 5.92
N LYS A 107 22.65 -21.40 5.70
CA LYS A 107 24.05 -21.00 5.77
C LYS A 107 24.17 -19.82 6.74
N VAL A 108 25.18 -19.87 7.61
CA VAL A 108 25.41 -18.82 8.60
C VAL A 108 26.89 -18.46 8.61
N LYS A 109 27.16 -17.16 8.75
CA LYS A 109 28.51 -16.64 8.86
C LYS A 109 28.50 -15.55 9.92
N ASP A 110 29.51 -15.51 10.78
CA ASP A 110 29.53 -14.41 11.75
C ASP A 110 30.80 -13.56 11.57
N LYS A 111 31.03 -12.65 12.51
CA LYS A 111 32.06 -11.63 12.31
C LYS A 111 33.47 -12.23 12.29
N THR A 112 33.64 -13.45 12.79
CA THR A 112 34.94 -14.11 12.83
C THR A 112 35.35 -14.68 11.49
N GLY A 113 34.51 -14.61 10.46
CA GLY A 113 34.77 -15.26 9.20
C GLY A 113 34.41 -16.72 9.15
N ARG A 114 34.10 -17.34 10.29
CA ARG A 114 33.66 -18.73 10.27
C ARG A 114 32.29 -18.85 9.61
N GLU A 115 32.08 -19.97 8.93
CA GLU A 115 30.87 -20.23 8.15
C GLU A 115 30.40 -21.65 8.44
N VAL A 116 29.12 -21.81 8.76
CA VAL A 116 28.53 -23.14 8.95
C VAL A 116 27.28 -23.26 8.10
N SER A 117 26.88 -24.50 7.85
CA SER A 117 25.71 -24.73 7.01
C SER A 117 25.04 -26.03 7.43
N SER A 118 23.75 -26.11 7.12
CA SER A 118 22.96 -27.30 7.37
C SER A 118 23.07 -28.23 6.17
N ASP A 119 22.62 -29.47 6.36
CA ASP A 119 22.38 -30.34 5.23
C ASP A 119 21.19 -29.81 4.42
N LYS A 120 20.97 -30.41 3.25
CA LYS A 120 19.85 -30.04 2.40
C LYS A 120 18.58 -30.76 2.83
N TYR A 121 17.49 -30.01 2.90
CA TYR A 121 16.17 -30.55 3.21
C TYR A 121 15.25 -30.39 2.00
N THR A 122 14.26 -31.26 1.91
CA THR A 122 13.36 -31.32 0.76
C THR A 122 11.95 -30.99 1.21
N ILE A 123 11.29 -30.08 0.49
CA ILE A 123 9.89 -29.78 0.72
C ILE A 123 9.13 -29.89 -0.59
N TYR A 124 7.83 -30.06 -0.49
CA TYR A 124 6.98 -30.24 -1.66
C TYR A 124 5.89 -29.17 -1.66
N VAL A 125 5.66 -28.58 -2.84
CA VAL A 125 4.73 -27.48 -2.96
C VAL A 125 3.60 -27.90 -3.90
N LYS A 126 2.35 -27.79 -3.42
CA LYS A 126 1.18 -28.12 -4.20
C LYS A 126 0.49 -26.85 -4.66
N GLU A 127 -0.41 -27.00 -5.63
CA GLU A 127 -1.18 -25.87 -6.13
C GLU A 127 -2.03 -25.26 -5.02
N SER A 128 -2.31 -23.96 -5.15
CA SER A 128 -3.10 -23.26 -4.15
C SER A 128 -4.00 -22.24 -4.82
N GLU A 129 -4.85 -21.59 -4.02
CA GLU A 129 -5.77 -20.58 -4.52
C GLU A 129 -5.14 -19.19 -4.62
N LYS A 130 -3.90 -19.01 -4.17
CA LYS A 130 -3.35 -17.66 -4.07
C LYS A 130 -2.99 -17.12 -5.46
N PRO A 131 -3.35 -15.86 -5.76
CA PRO A 131 -3.07 -15.31 -7.09
C PRO A 131 -1.61 -14.91 -7.33
N GLY A 132 -0.78 -14.75 -6.29
CA GLY A 132 0.62 -14.39 -6.47
C GLY A 132 0.91 -12.96 -6.05
N TYR A 133 2.10 -12.50 -6.43
CA TYR A 133 2.54 -11.15 -6.08
C TYR A 133 1.92 -10.14 -7.02
N ILE A 134 1.86 -8.90 -6.55
CA ILE A 134 1.29 -7.80 -7.34
C ILE A 134 2.40 -7.14 -8.14
N ARG A 135 2.14 -6.97 -9.44
CA ARG A 135 3.07 -6.40 -10.42
C ARG A 135 2.35 -5.35 -11.24
N VAL A 136 3.11 -4.61 -12.05
CA VAL A 136 2.49 -3.75 -13.05
C VAL A 136 1.97 -4.62 -14.18
N SER A 137 0.76 -4.31 -14.68
CA SER A 137 0.20 -5.07 -15.79
C SER A 137 1.00 -4.83 -17.06
N GLU A 138 1.31 -5.92 -17.77
CA GLU A 138 1.91 -5.79 -19.08
C GLU A 138 0.89 -5.44 -20.15
N LYS A 139 -0.40 -5.62 -19.87
CA LYS A 139 -1.42 -5.31 -20.86
C LYS A 139 -1.76 -3.83 -20.87
N ASN A 140 -1.73 -3.19 -19.70
CA ASN A 140 -2.10 -1.79 -19.56
C ASN A 140 -1.30 -1.24 -18.40
N TRP A 141 -0.29 -0.40 -18.71
CA TRP A 141 0.63 0.08 -17.67
C TRP A 141 -0.05 0.98 -16.67
N ARG A 142 -1.33 1.34 -16.87
CA ARG A 142 -2.02 2.13 -15.87
C ARG A 142 -2.46 1.32 -14.66
N TYR A 143 -2.38 -0.01 -14.72
CA TYR A 143 -3.01 -0.86 -13.72
C TYR A 143 -2.05 -1.91 -13.19
N PHE A 144 -2.42 -2.47 -12.04
CA PHE A 144 -1.69 -3.55 -11.39
C PHE A 144 -2.35 -4.89 -11.71
N LYS A 145 -1.55 -5.96 -11.61
CA LYS A 145 -2.05 -7.32 -11.77
C LYS A 145 -1.42 -8.21 -10.72
N PHE A 146 -2.05 -9.36 -10.49
CA PHE A 146 -1.41 -10.45 -9.76
C PHE A 146 -0.59 -11.28 -10.75
N ASP A 147 0.32 -12.12 -10.21
CA ASP A 147 1.10 -13.00 -11.07
C ASP A 147 0.21 -13.89 -11.94
N ASN A 148 -0.97 -14.26 -11.45
CA ASN A 148 -1.84 -15.15 -12.20
C ASN A 148 -2.64 -14.42 -13.27
N GLY A 149 -2.36 -13.12 -13.49
CA GLY A 149 -3.00 -12.36 -14.55
C GLY A 149 -4.28 -11.62 -14.17
N ARG A 150 -4.87 -11.90 -13.00
CA ARG A 150 -6.06 -11.15 -12.60
C ARG A 150 -5.66 -9.74 -12.19
N GLN A 151 -6.56 -8.80 -12.40
CA GLN A 151 -6.26 -7.42 -12.03
C GLN A 151 -6.21 -7.26 -10.51
N PHE A 152 -5.36 -6.35 -10.06
CA PHE A 152 -5.42 -5.85 -8.69
C PHE A 152 -5.79 -4.38 -8.77
N LEU A 153 -7.01 -4.07 -8.35
CA LEU A 153 -7.53 -2.71 -8.33
C LEU A 153 -7.63 -2.28 -6.88
N PRO A 154 -6.68 -1.51 -6.35
CA PRO A 154 -6.73 -1.21 -4.91
C PRO A 154 -7.94 -0.35 -4.56
N ILE A 155 -8.69 -0.82 -3.57
CA ILE A 155 -9.83 -0.13 -3.00
C ILE A 155 -9.63 -0.17 -1.49
N GLY A 156 -9.56 1.00 -0.87
CA GLY A 156 -9.35 1.00 0.56
C GLY A 156 -9.04 2.40 1.07
N ALA A 157 -8.17 2.49 2.07
CA ALA A 157 -7.80 3.77 2.65
C ALA A 157 -6.46 3.61 3.34
N ASN A 158 -5.89 4.76 3.72
CA ASN A 158 -4.80 4.74 4.69
C ASN A 158 -5.30 4.21 6.02
N ILE A 159 -4.52 3.31 6.62
CA ILE A 159 -4.80 2.83 7.97
C ILE A 159 -3.44 2.71 8.66
N CYS A 160 -2.77 3.85 8.84
CA CYS A 160 -1.31 3.84 8.93
C CYS A 160 -0.76 3.51 10.33
N TRP A 161 -1.55 3.70 11.38
CA TRP A 161 -1.15 3.36 12.74
C TRP A 161 -2.41 3.19 13.57
N ALA A 162 -2.24 2.53 14.71
CA ALA A 162 -3.30 2.26 15.66
C ALA A 162 -3.22 3.22 16.84
N THR A 163 -4.25 3.18 17.69
CA THR A 163 -4.21 3.86 18.97
C THR A 163 -3.35 3.03 19.92
N SER A 164 -3.43 3.31 21.23
CA SER A 164 -2.70 2.48 22.17
C SER A 164 -3.21 1.04 22.16
N LYS A 165 -4.38 0.78 21.59
CA LYS A 165 -4.86 -0.59 21.51
C LYS A 165 -4.11 -1.42 20.47
N GLY A 166 -3.28 -0.80 19.62
CA GLY A 166 -2.35 -1.56 18.80
C GLY A 166 -3.07 -2.51 17.86
N THR A 167 -2.61 -3.77 17.81
CA THR A 167 -3.18 -4.73 16.88
C THR A 167 -4.68 -4.94 17.10
N TYR A 168 -5.19 -4.69 18.31
CA TYR A 168 -6.64 -4.84 18.55
C TYR A 168 -7.46 -3.84 17.74
N ASP A 169 -6.89 -2.68 17.39
CA ASP A 169 -7.61 -1.77 16.50
C ASP A 169 -7.75 -2.36 15.11
N TYR A 170 -6.67 -2.99 14.61
CA TYR A 170 -6.73 -3.60 13.28
C TYR A 170 -7.69 -4.80 13.26
N ASP A 171 -7.84 -5.50 14.38
CA ASP A 171 -8.86 -6.55 14.50
C ASP A 171 -10.26 -6.02 14.20
N VAL A 172 -10.49 -4.73 14.44
CA VAL A 172 -11.79 -4.11 14.16
C VAL A 172 -11.81 -3.49 12.78
N TRP A 173 -10.77 -2.69 12.46
CA TRP A 173 -10.82 -1.90 11.22
C TRP A 173 -10.74 -2.76 9.98
N LEU A 174 -9.84 -3.76 9.98
CA LEU A 174 -9.62 -4.50 8.74
C LEU A 174 -10.83 -5.36 8.35
N PRO A 175 -11.45 -6.14 9.24
CA PRO A 175 -12.63 -6.90 8.80
C PRO A 175 -13.75 -6.01 8.29
N LYS A 176 -13.95 -4.84 8.90
CA LYS A 176 -14.94 -3.89 8.38
C LYS A 176 -14.60 -3.45 6.96
N CYS A 177 -13.35 -3.02 6.76
CA CYS A 177 -12.91 -2.64 5.42
C CYS A 177 -13.10 -3.79 4.42
N ALA A 178 -12.61 -4.98 4.78
CA ALA A 178 -12.65 -6.12 3.84
C ALA A 178 -14.08 -6.50 3.48
N GLU A 179 -15.01 -6.47 4.43
CA GLU A 179 -16.37 -6.89 4.11
C GLU A 179 -17.12 -5.84 3.31
N ASN A 180 -16.56 -4.65 3.15
CA ASN A 180 -17.14 -3.61 2.32
C ASN A 180 -16.32 -3.36 1.06
N GLY A 181 -15.68 -4.40 0.52
CA GLY A 181 -14.98 -4.29 -0.75
C GLY A 181 -13.54 -3.82 -0.66
N GLY A 182 -13.01 -3.57 0.54
CA GLY A 182 -11.64 -3.08 0.64
C GLY A 182 -10.64 -4.21 0.51
N ASN A 183 -9.58 -3.97 -0.28
CA ASN A 183 -8.50 -4.93 -0.44
C ASN A 183 -7.13 -4.30 -0.25
N TYR A 184 -7.07 -3.09 0.32
CA TYR A 184 -5.84 -2.31 0.34
C TYR A 184 -5.79 -1.46 1.61
N PHE A 185 -4.59 -1.33 2.19
CA PHE A 185 -4.33 -0.24 3.12
C PHE A 185 -2.82 0.02 3.16
N ARG A 186 -2.45 1.06 3.90
CA ARG A 186 -1.07 1.51 4.00
C ARG A 186 -0.74 1.65 5.48
N VAL A 187 0.48 1.22 5.85
CA VAL A 187 0.94 1.29 7.22
C VAL A 187 2.27 2.03 7.25
N TRP A 188 2.57 2.65 8.38
CA TRP A 188 3.83 3.37 8.58
C TRP A 188 4.79 2.58 9.47
N LEU A 189 6.04 2.45 9.01
CA LEU A 189 7.10 1.82 9.80
C LEU A 189 8.01 2.87 10.44
N GLY A 190 7.64 4.15 10.31
CA GLY A 190 8.30 5.26 10.98
C GLY A 190 7.30 6.40 11.01
N PRO A 191 7.53 7.45 11.82
CA PRO A 191 8.67 7.68 12.73
C PRO A 191 8.59 6.81 13.98
N SER A 192 9.45 7.09 14.97
CA SER A 192 9.64 6.15 16.07
C SER A 192 8.38 5.95 16.91
N TRP A 193 7.40 6.86 16.82
CA TRP A 193 6.16 6.70 17.57
C TRP A 193 5.15 5.80 16.87
N ALA A 194 5.41 5.37 15.64
CA ALA A 194 4.42 4.61 14.90
C ALA A 194 4.24 3.22 15.48
N THR A 195 3.05 2.66 15.29
CA THR A 195 2.72 1.31 15.78
C THR A 195 3.74 0.28 15.32
N PHE A 196 4.16 0.35 14.05
CA PHE A 196 5.08 -0.60 13.45
C PHE A 196 6.49 -0.06 13.31
N ALA A 197 6.89 0.91 14.13
CA ALA A 197 8.21 1.53 13.98
C ALA A 197 9.32 0.52 14.24
N LEU A 198 10.13 0.22 13.22
CA LEU A 198 11.28 -0.65 13.41
C LEU A 198 12.41 0.09 14.11
N GLU A 199 12.70 1.32 13.70
CA GLU A 199 13.68 2.17 14.35
C GLU A 199 12.98 2.96 15.46
N ARG A 200 12.78 2.30 16.60
CA ARG A 200 12.09 2.94 17.70
C ARG A 200 13.04 3.64 18.65
N GLU A 201 14.09 2.97 19.10
CA GLU A 201 15.09 3.60 19.95
C GLU A 201 16.43 3.75 19.26
N SER A 202 16.58 3.21 18.06
CA SER A 202 17.88 3.05 17.43
C SER A 202 17.68 2.94 15.93
N VAL A 203 18.68 3.39 15.17
CA VAL A 203 18.73 3.07 13.75
C VAL A 203 19.63 1.87 13.46
N LYS A 204 20.24 1.29 14.49
CA LYS A 204 21.15 0.15 14.33
C LYS A 204 20.52 -1.18 14.69
N GLU A 205 19.53 -1.16 15.58
CA GLU A 205 18.80 -2.34 16.02
C GLU A 205 17.31 -2.05 15.90
N TYR A 206 16.53 -3.07 15.58
CA TYR A 206 15.12 -2.86 15.27
C TYR A 206 14.24 -3.44 16.37
N ASP A 207 13.06 -2.83 16.55
CA ASP A 207 12.21 -3.11 17.69
C ASP A 207 11.41 -4.39 17.46
N LEU A 208 11.67 -5.42 18.28
CA LEU A 208 11.09 -6.73 18.04
C LEU A 208 9.60 -6.77 18.38
N LYS A 209 9.15 -5.94 19.33
CA LYS A 209 7.72 -5.88 19.63
C LYS A 209 6.94 -5.29 18.45
N ASN A 210 7.38 -4.15 17.94
CA ASN A 210 6.69 -3.53 16.82
C ASN A 210 6.71 -4.41 15.57
N ALA A 211 7.84 -5.10 15.33
CA ALA A 211 7.92 -6.02 14.21
C ALA A 211 6.94 -7.18 14.37
N TRP A 212 6.75 -7.62 15.62
CA TRP A 212 5.75 -8.65 15.92
C TRP A 212 4.34 -8.15 15.64
N LYS A 213 4.06 -6.89 15.98
CA LYS A 213 2.75 -6.32 15.65
C LYS A 213 2.53 -6.27 14.14
N LEU A 214 3.58 -5.95 13.38
CA LEU A 214 3.46 -5.94 11.92
C LEU A 214 3.26 -7.34 11.36
N ASP A 215 3.96 -8.35 11.93
CA ASP A 215 3.63 -9.75 11.63
C ASP A 215 2.13 -9.99 11.75
N TYR A 216 1.56 -9.60 12.89
CA TYR A 216 0.17 -9.91 13.16
C TYR A 216 -0.74 -9.25 12.12
N VAL A 217 -0.50 -7.99 11.81
CA VAL A 217 -1.39 -7.27 10.91
C VAL A 217 -1.25 -7.79 9.49
N LEU A 218 -0.02 -8.13 9.07
CA LEU A 218 0.18 -8.82 7.81
C LEU A 218 -0.58 -10.15 7.77
N ASN A 219 -0.56 -10.91 8.87
CA ASN A 219 -1.29 -12.18 8.90
C ASN A 219 -2.80 -11.95 8.80
N LEU A 220 -3.30 -10.91 9.46
CA LEU A 220 -4.71 -10.58 9.34
C LEU A 220 -5.06 -10.18 7.91
N ALA A 221 -4.21 -9.39 7.26
CA ALA A 221 -4.44 -9.04 5.86
C ALA A 221 -4.48 -10.30 4.99
N GLU A 222 -3.60 -11.26 5.28
CA GLU A 222 -3.58 -12.53 4.55
C GLU A 222 -4.93 -13.24 4.66
N LYS A 223 -5.50 -13.29 5.86
CA LYS A 223 -6.79 -13.94 6.07
C LYS A 223 -7.94 -13.18 5.44
N LEU A 224 -7.78 -11.87 5.23
CA LEU A 224 -8.85 -11.05 4.68
C LEU A 224 -8.66 -10.72 3.21
N ASN A 225 -7.61 -11.23 2.57
CA ASN A 225 -7.27 -10.92 1.18
C ASN A 225 -7.12 -9.41 0.98
N MET A 226 -6.36 -8.79 1.88
CA MET A 226 -5.99 -7.39 1.76
C MET A 226 -4.49 -7.28 1.53
N TYR A 227 -4.08 -6.18 0.88
CA TYR A 227 -2.72 -5.99 0.39
C TYR A 227 -2.23 -4.64 0.87
N ILE A 228 -0.99 -4.60 1.36
CA ILE A 228 -0.50 -3.49 2.18
C ILE A 228 0.67 -2.81 1.48
N MET A 229 0.65 -1.47 1.51
CA MET A 229 1.84 -0.69 1.19
C MET A 229 2.56 -0.38 2.51
N PHE A 230 3.82 -0.82 2.61
CA PHE A 230 4.68 -0.55 3.77
C PHE A 230 5.42 0.76 3.53
N CYS A 231 5.17 1.78 4.34
CA CYS A 231 5.90 3.03 4.17
C CYS A 231 7.03 3.05 5.19
N PHE A 232 8.27 3.01 4.70
CA PHE A 232 9.41 2.75 5.58
C PHE A 232 9.71 3.93 6.50
N ASP A 233 9.63 5.15 5.97
CA ASP A 233 10.03 6.34 6.69
C ASP A 233 9.06 7.47 6.38
N SER A 234 8.88 8.39 7.33
CA SER A 234 8.07 9.58 7.06
C SER A 234 8.90 10.85 7.27
N TYR A 235 8.53 11.89 6.51
CA TYR A 235 9.29 13.15 6.47
C TYR A 235 9.55 13.73 7.86
N ASN A 236 8.66 13.47 8.81
CA ASN A 236 8.79 14.06 10.14
C ASN A 236 10.16 13.77 10.70
N GLU A 237 10.73 12.60 10.37
CA GLU A 237 12.00 12.17 10.94
C GLU A 237 13.12 13.15 10.61
N LEU A 238 13.03 13.81 9.47
CA LEU A 238 14.09 14.69 9.00
C LEU A 238 13.64 16.16 8.96
N ARG A 239 12.68 16.53 9.82
CA ARG A 239 12.15 17.89 9.83
C ARG A 239 12.34 18.48 11.23
N TYR A 240 12.90 19.69 11.28
CA TYR A 240 13.20 20.35 12.55
C TYR A 240 11.93 20.88 13.23
N GLN A 241 11.97 20.86 14.56
CA GLN A 241 10.87 21.38 15.36
C GLN A 241 10.43 22.78 14.91
N LYS A 242 11.40 23.66 14.66
CA LYS A 242 11.08 25.03 14.28
C LYS A 242 10.36 25.12 12.94
N GLU A 243 10.33 24.04 12.16
CA GLU A 243 9.68 24.05 10.86
C GLU A 243 8.24 23.58 10.89
N GLY A 244 7.75 23.11 12.04
CA GLY A 244 6.36 22.72 12.19
C GLY A 244 5.98 21.50 11.35
N ALA A 245 4.66 21.35 11.16
CA ALA A 245 4.08 20.25 10.39
C ALA A 245 4.43 18.89 10.98
N TYR A 246 4.17 18.74 12.29
CA TYR A 246 4.44 17.51 13.05
C TYR A 246 5.90 17.11 12.94
N PRO A 247 6.82 17.99 13.30
CA PRO A 247 8.25 17.69 13.14
C PRO A 247 8.73 16.68 14.17
N TYR A 248 9.83 16.01 13.85
CA TYR A 248 10.31 14.97 14.75
C TYR A 248 11.83 14.84 14.82
N TRP A 249 12.60 15.64 14.08
CA TRP A 249 14.06 15.47 14.07
C TRP A 249 14.64 15.43 15.48
N GLU A 250 14.19 16.34 16.36
CA GLU A 250 14.79 16.40 17.69
C GLU A 250 14.60 15.10 18.49
N HIS A 251 13.62 14.28 18.12
CA HIS A 251 13.34 13.03 18.83
C HIS A 251 13.74 11.79 18.06
N THR A 252 14.24 11.93 16.83
CA THR A 252 14.41 10.74 15.99
C THR A 252 15.74 10.04 16.31
N PRO A 253 15.79 8.71 16.25
CA PRO A 253 17.05 8.02 16.59
C PRO A 253 18.19 8.30 15.62
N HIS A 254 17.90 8.84 14.43
CA HIS A 254 18.96 9.20 13.49
C HIS A 254 19.87 10.29 14.03
N TYR A 255 19.32 11.18 14.84
CA TYR A 255 20.03 12.36 15.34
C TYR A 255 21.09 11.95 16.34
N GLU A 256 22.30 12.48 16.16
CA GLU A 256 23.40 12.22 17.07
C GLU A 256 23.02 12.47 18.53
N LYS A 257 22.16 13.46 18.79
CA LYS A 257 21.71 13.71 20.15
C LYS A 257 21.08 12.47 20.77
N ASN A 258 20.44 11.64 19.94
CA ASN A 258 19.71 10.47 20.41
C ASN A 258 20.47 9.17 20.11
N GLY A 259 21.76 9.25 19.87
CA GLY A 259 22.59 8.08 19.65
C GLY A 259 22.83 7.72 18.21
N GLY A 260 22.24 8.45 17.26
CA GLY A 260 22.39 8.14 15.86
C GLY A 260 23.65 8.75 15.27
N PRO A 261 23.85 8.48 13.97
CA PRO A 261 25.05 8.97 13.30
C PRO A 261 24.96 10.38 12.72
N LEU A 262 23.78 11.01 12.65
CA LEU A 262 23.62 12.21 11.84
C LEU A 262 23.74 13.48 12.68
N LYS A 263 24.55 14.42 12.20
CA LYS A 263 24.60 15.73 12.85
C LYS A 263 23.42 16.60 12.45
N GLU A 264 22.85 16.36 11.27
CA GLU A 264 21.73 17.14 10.74
C GLU A 264 21.03 16.29 9.69
N PRO A 265 19.74 16.54 9.42
CA PRO A 265 19.01 15.63 8.52
C PRO A 265 19.57 15.58 7.10
N LYS A 266 20.24 16.66 6.64
CA LYS A 266 20.82 16.64 5.31
C LYS A 266 21.78 15.47 5.11
N ASP A 267 22.46 15.04 6.17
CA ASP A 267 23.48 14.01 6.03
C ASP A 267 22.88 12.62 5.83
N PHE A 268 21.54 12.47 6.02
CA PHE A 268 20.89 11.18 5.81
C PHE A 268 21.22 10.60 4.43
N TRP A 269 21.25 11.45 3.41
CA TRP A 269 21.36 10.99 2.03
C TRP A 269 22.76 10.49 1.68
N THR A 270 23.79 10.90 2.42
CA THR A 270 25.16 10.58 2.04
C THR A 270 26.03 10.00 3.15
N ASN A 271 25.61 10.09 4.42
CA ASN A 271 26.43 9.58 5.51
C ASN A 271 26.60 8.06 5.38
N ASN A 272 27.85 7.60 5.32
CA ASN A 272 28.07 6.18 5.02
C ASN A 272 27.57 5.28 6.13
N GLU A 273 27.71 5.69 7.38
CA GLU A 273 27.16 4.91 8.47
C GLU A 273 25.64 4.79 8.35
N MET A 274 24.97 5.91 8.07
CA MET A 274 23.50 5.87 7.94
C MET A 274 23.08 5.00 6.76
N ILE A 275 23.77 5.12 5.63
CA ILE A 275 23.41 4.32 4.46
C ILE A 275 23.56 2.84 4.78
N LYS A 276 24.59 2.48 5.53
CA LYS A 276 24.81 1.08 5.88
C LYS A 276 23.68 0.57 6.77
N TYR A 277 23.29 1.33 7.79
CA TYR A 277 22.17 0.90 8.63
C TYR A 277 20.88 0.83 7.84
N TYR A 278 20.68 1.77 6.90
CA TYR A 278 19.44 1.74 6.11
C TYR A 278 19.38 0.48 5.26
N LYS A 279 20.50 0.09 4.66
CA LYS A 279 20.52 -1.17 3.91
C LYS A 279 20.30 -2.37 4.82
N ASN A 280 20.81 -2.31 6.05
CA ASN A 280 20.51 -3.38 7.00
C ASN A 280 19.02 -3.43 7.31
N LYS A 281 18.39 -2.26 7.40
CA LYS A 281 16.95 -2.23 7.65
C LYS A 281 16.17 -2.82 6.47
N LEU A 282 16.54 -2.43 5.25
CA LEU A 282 15.89 -3.02 4.07
C LEU A 282 16.06 -4.54 4.06
N ARG A 283 17.25 -5.01 4.43
CA ARG A 283 17.48 -6.45 4.51
CA ARG A 283 17.48 -6.45 4.51
C ARG A 283 16.59 -7.09 5.56
N TYR A 284 16.41 -6.42 6.71
CA TYR A 284 15.53 -6.94 7.76
C TYR A 284 14.08 -6.98 7.28
N ILE A 285 13.66 -5.94 6.57
CA ILE A 285 12.29 -5.89 6.07
C ILE A 285 12.04 -6.99 5.05
N VAL A 286 12.96 -7.17 4.10
CA VAL A 286 12.84 -8.26 3.12
C VAL A 286 12.80 -9.60 3.83
N ALA A 287 13.71 -9.82 4.78
CA ALA A 287 13.79 -11.09 5.48
C ALA A 287 12.48 -11.43 6.19
N ARG A 288 11.93 -10.46 6.94
CA ARG A 288 10.80 -10.73 7.80
C ARG A 288 9.46 -10.69 7.06
N TYR A 289 9.34 -9.88 6.00
CA TYR A 289 8.05 -9.66 5.35
C TYR A 289 8.03 -9.93 3.85
N GLY A 290 9.20 -10.05 3.20
CA GLY A 290 9.25 -10.14 1.76
C GLY A 290 8.53 -11.35 1.19
N TYR A 291 8.48 -12.45 1.94
CA TYR A 291 7.78 -13.66 1.49
C TYR A 291 6.33 -13.39 1.11
N SER A 292 5.70 -12.42 1.77
CA SER A 292 4.25 -12.29 1.72
C SER A 292 3.76 -11.70 0.41
N THR A 293 2.83 -12.41 -0.26
CA THR A 293 2.14 -11.76 -1.37
C THR A 293 1.21 -10.64 -0.90
N ASN A 294 0.93 -10.53 0.40
CA ASN A 294 0.09 -9.44 0.89
C ASN A 294 0.87 -8.16 1.11
N VAL A 295 2.17 -8.14 0.83
CA VAL A 295 2.89 -6.87 0.70
C VAL A 295 2.67 -6.37 -0.73
N PHE A 296 1.86 -5.33 -0.87
CA PHE A 296 1.61 -4.76 -2.19
C PHE A 296 2.85 -4.01 -2.68
N ALA A 297 3.46 -3.22 -1.82
CA ALA A 297 4.56 -2.37 -2.28
C ALA A 297 5.44 -1.92 -1.11
N TRP A 298 6.72 -1.78 -1.42
CA TRP A 298 7.67 -1.06 -0.57
C TRP A 298 7.65 0.42 -0.93
N GLU A 299 7.36 1.28 0.04
CA GLU A 299 7.37 2.73 -0.17
C GLU A 299 8.45 3.34 0.72
N PHE A 300 9.45 3.97 0.11
CA PHE A 300 10.57 4.47 0.89
C PHE A 300 10.13 5.58 1.83
N TRP A 301 9.44 6.59 1.31
CA TRP A 301 9.16 7.81 2.07
C TRP A 301 7.69 8.22 1.99
N ASN A 302 7.15 8.64 3.13
CA ASN A 302 5.99 9.52 3.13
C ASN A 302 6.48 10.96 2.95
N GLN A 303 6.23 11.52 1.76
CA GLN A 303 6.36 12.96 1.49
C GLN A 303 7.79 13.47 1.72
N VAL A 304 8.74 12.88 0.99
CA VAL A 304 10.15 13.20 1.21
C VAL A 304 10.47 14.66 0.87
N ASP A 305 9.63 15.31 0.07
CA ASP A 305 9.88 16.70 -0.30
C ASP A 305 9.69 17.69 0.84
N ILE A 306 9.02 17.29 1.94
CA ILE A 306 8.85 18.23 3.05
C ILE A 306 9.57 17.75 4.30
N ILE A 307 10.67 17.01 4.11
CA ILE A 307 11.73 17.01 5.12
C ILE A 307 12.22 18.45 5.25
N SER A 308 13.12 18.71 6.20
CA SER A 308 13.58 20.08 6.36
C SER A 308 14.14 20.59 5.04
N PRO A 309 13.83 21.82 4.63
CA PRO A 309 14.50 22.37 3.43
C PRO A 309 16.02 22.45 3.58
N THR A 310 16.55 22.44 4.82
CA THR A 310 17.99 22.33 5.00
C THR A 310 18.52 20.98 4.54
N ALA A 311 17.64 19.99 4.35
CA ALA A 311 18.07 18.63 4.10
C ALA A 311 17.71 18.11 2.71
N PHE A 312 16.94 18.87 1.93
CA PHE A 312 16.47 18.37 0.64
C PHE A 312 17.42 18.88 -0.44
N VAL A 313 18.27 17.99 -0.93
CA VAL A 313 19.18 18.23 -2.03
C VAL A 313 18.72 17.29 -3.14
N ILE A 314 18.09 17.85 -4.18
CA ILE A 314 17.36 17.02 -5.15
C ILE A 314 18.26 15.96 -5.76
N GLY A 315 19.50 16.33 -6.11
CA GLY A 315 20.40 15.38 -6.74
C GLY A 315 20.76 14.21 -5.84
N GLU A 316 20.91 14.49 -4.53
CA GLU A 316 21.25 13.42 -3.60
C GLU A 316 20.04 12.56 -3.26
N VAL A 317 18.86 13.17 -3.16
CA VAL A 317 17.65 12.39 -2.88
C VAL A 317 17.32 11.50 -4.07
N LYS A 318 17.52 12.02 -5.29
CA LYS A 318 17.31 11.21 -6.48
C LYS A 318 18.28 10.03 -6.52
N LYS A 319 19.58 10.30 -6.34
CA LYS A 319 20.56 9.24 -6.38
C LYS A 319 20.29 8.21 -5.29
N TRP A 320 19.90 8.67 -4.10
CA TRP A 320 19.58 7.75 -3.01
C TRP A 320 18.42 6.83 -3.39
N HIS A 321 17.38 7.38 -4.04
CA HIS A 321 16.26 6.55 -4.45
C HIS A 321 16.69 5.56 -5.53
N GLU A 322 17.48 6.01 -6.51
CA GLU A 322 17.99 5.09 -7.53
C GLU A 322 18.78 3.95 -6.91
N ASP A 323 19.73 4.28 -6.03
CA ASP A 323 20.61 3.26 -5.44
C ASP A 323 19.85 2.35 -4.50
N MET A 324 18.93 2.90 -3.70
CA MET A 324 18.22 2.06 -2.75
C MET A 324 17.22 1.15 -3.46
N ALA A 325 16.54 1.67 -4.49
CA ALA A 325 15.66 0.83 -5.28
C ALA A 325 16.42 -0.32 -5.92
N LYS A 326 17.62 -0.03 -6.44
CA LYS A 326 18.42 -1.08 -7.04
C LYS A 326 18.85 -2.11 -6.00
N TYR A 327 19.26 -1.64 -4.82
CA TYR A 327 19.67 -2.57 -3.76
C TYR A 327 18.50 -3.40 -3.28
N LEU A 328 17.39 -2.74 -2.93
CA LEU A 328 16.19 -3.44 -2.48
C LEU A 328 15.76 -4.49 -3.48
N ASN A 329 15.64 -4.09 -4.75
CA ASN A 329 15.34 -5.03 -5.83
C ASN A 329 16.27 -6.22 -5.81
N SER A 330 17.56 -5.98 -5.66
CA SER A 330 18.53 -7.05 -5.78
C SER A 330 18.45 -8.04 -4.62
N ILE A 331 18.11 -7.59 -3.41
CA ILE A 331 18.05 -8.53 -2.30
C ILE A 331 16.66 -9.09 -2.07
N ASP A 332 15.63 -8.58 -2.75
CA ASP A 332 14.26 -9.04 -2.59
C ASP A 332 14.03 -10.22 -3.53
N PRO A 333 13.99 -11.47 -3.05
CA PRO A 333 13.78 -12.59 -3.97
C PRO A 333 12.46 -12.51 -4.75
N TRP A 334 11.46 -11.81 -4.23
CA TRP A 334 10.17 -11.76 -4.89
C TRP A 334 9.91 -10.47 -5.66
N LYS A 335 10.85 -9.52 -5.64
CA LYS A 335 10.78 -8.32 -6.49
C LYS A 335 9.47 -7.55 -6.32
N HIS A 336 9.14 -7.22 -5.08
CA HIS A 336 7.95 -6.40 -4.83
C HIS A 336 8.08 -5.03 -5.50
N LEU A 337 6.93 -4.45 -5.84
CA LEU A 337 6.86 -3.08 -6.32
C LEU A 337 7.50 -2.11 -5.33
N ILE A 338 8.14 -1.06 -5.87
CA ILE A 338 8.80 -0.02 -5.07
C ILE A 338 8.27 1.34 -5.51
N THR A 339 8.02 2.22 -4.54
CA THR A 339 7.52 3.56 -4.84
C THR A 339 8.04 4.54 -3.79
N THR A 340 7.69 5.82 -3.95
CA THR A 340 7.95 6.85 -2.95
C THR A 340 6.89 7.93 -3.14
N SER A 341 6.77 8.87 -2.20
CA SER A 341 5.70 9.87 -2.29
C SER A 341 6.16 11.26 -1.88
N PHE A 342 5.35 12.24 -2.28
CA PHE A 342 5.58 13.67 -2.10
C PHE A 342 4.31 14.34 -1.60
N ALA A 343 4.48 15.36 -0.77
CA ALA A 343 3.35 16.18 -0.36
C ALA A 343 2.90 17.10 -1.48
N PHE A 344 3.85 17.66 -2.23
CA PHE A 344 3.53 18.47 -3.41
C PHE A 344 2.76 17.61 -4.40
N SER A 345 1.51 17.99 -4.68
CA SER A 345 0.64 17.09 -5.44
C SER A 345 1.18 16.77 -6.83
N PRO A 346 1.78 17.70 -7.59
CA PRO A 346 2.35 17.31 -8.89
C PRO A 346 3.56 16.39 -8.80
N GLY A 347 4.14 16.19 -7.60
CA GLY A 347 5.29 15.31 -7.46
C GLY A 347 6.57 15.96 -7.93
N LYS A 348 7.62 15.13 -8.02
CA LYS A 348 8.95 15.60 -8.44
C LYS A 348 9.42 14.77 -9.64
N PRO A 349 9.32 15.28 -10.87
CA PRO A 349 9.62 14.44 -12.04
C PRO A 349 11.02 13.84 -12.02
N GLU A 350 11.99 14.53 -11.40
CA GLU A 350 13.36 14.00 -11.34
C GLU A 350 13.42 12.68 -10.60
N ILE A 351 12.54 12.49 -9.62
CA ILE A 351 12.47 11.24 -8.87
C ILE A 351 11.39 10.32 -9.42
N ASP A 352 10.20 10.86 -9.72
CA ASP A 352 9.11 10.01 -10.21
C ASP A 352 9.50 9.24 -11.49
N SER A 353 10.40 9.79 -12.31
CA SER A 353 10.76 9.13 -13.55
C SER A 353 11.87 8.09 -13.38
N ILE A 354 12.38 7.88 -12.17
CA ILE A 354 13.35 6.82 -11.93
C ILE A 354 12.74 5.47 -12.27
N SER A 355 13.45 4.66 -13.04
CA SER A 355 12.85 3.42 -13.52
C SER A 355 12.73 2.37 -12.41
N GLY A 356 13.56 2.47 -11.38
CA GLY A 356 13.46 1.59 -10.22
C GLY A 356 12.23 1.83 -9.34
N LEU A 357 11.57 2.97 -9.51
CA LEU A 357 10.28 3.20 -8.86
C LEU A 357 9.19 2.75 -9.83
N ASN A 358 8.46 1.69 -9.46
CA ASN A 358 7.58 1.02 -10.42
C ASN A 358 6.25 1.74 -10.64
N PHE A 359 5.83 2.62 -9.72
CA PHE A 359 4.61 3.39 -9.94
C PHE A 359 4.73 4.72 -9.20
N VAL A 360 3.91 5.70 -9.61
CA VAL A 360 3.96 7.04 -9.05
C VAL A 360 2.74 7.27 -8.19
N GLN A 361 2.84 8.28 -7.32
CA GLN A 361 1.76 8.59 -6.39
C GLN A 361 1.39 10.07 -6.42
N THR A 362 0.20 10.36 -5.90
CA THR A 362 -0.22 11.73 -5.62
C THR A 362 -0.77 11.80 -4.21
N HIS A 363 -0.35 12.80 -3.46
CA HIS A 363 -1.04 13.22 -2.25
C HIS A 363 -1.72 14.56 -2.54
N ILE A 364 -2.97 14.70 -2.15
CA ILE A 364 -3.62 16.00 -2.35
C ILE A 364 -4.65 16.22 -1.27
N TYR A 365 -4.53 17.35 -0.59
CA TYR A 365 -5.52 17.85 0.36
C TYR A 365 -5.96 19.21 -0.18
N LYS A 366 -7.18 19.25 -0.74
CA LYS A 366 -7.66 20.45 -1.41
C LYS A 366 -9.16 20.59 -1.14
N SER A 367 -9.58 21.79 -0.75
CA SER A 367 -10.96 21.94 -0.34
C SER A 367 -11.89 22.34 -1.48
N ASN A 368 -11.39 23.02 -2.51
CA ASN A 368 -12.28 23.54 -3.56
C ASN A 368 -11.92 22.96 -4.92
N ARG A 369 -12.96 22.48 -5.63
CA ARG A 369 -12.83 21.94 -6.98
C ARG A 369 -11.83 20.80 -7.03
N TYR A 370 -11.79 19.98 -5.98
CA TYR A 370 -10.81 18.90 -5.95
C TYR A 370 -11.11 17.83 -6.99
N ILE A 371 -12.36 17.72 -7.45
CA ILE A 371 -12.65 16.80 -8.54
C ILE A 371 -11.84 17.17 -9.77
N ASP A 372 -11.85 18.46 -10.15
CA ASP A 372 -11.08 18.90 -11.30
C ASP A 372 -9.58 18.76 -11.05
N ALA A 373 -9.13 19.01 -9.82
CA ALA A 373 -7.71 18.82 -9.52
C ALA A 373 -7.30 17.37 -9.70
N LEU A 374 -8.13 16.43 -9.26
CA LEU A 374 -7.79 15.02 -9.41
C LEU A 374 -7.71 14.63 -10.87
N LEU A 375 -8.71 15.04 -11.66
CA LEU A 375 -8.69 14.74 -13.10
C LEU A 375 -7.44 15.30 -13.74
N SER A 376 -7.08 16.53 -13.38
CA SER A 376 -5.91 17.18 -13.96
C SER A 376 -4.62 16.46 -13.57
N LEU A 377 -4.49 16.07 -12.30
CA LEU A 377 -3.26 15.38 -11.90
C LEU A 377 -3.17 14.00 -12.55
N ILE A 378 -4.31 13.33 -12.72
CA ILE A 378 -4.29 12.00 -13.32
C ILE A 378 -3.91 12.09 -14.80
N ALA A 379 -4.44 13.10 -15.51
CA ALA A 379 -4.03 13.30 -16.90
C ALA A 379 -2.55 13.62 -16.99
N TYR A 380 -2.07 14.48 -16.09
CA TYR A 380 -0.68 14.88 -16.11
C TYR A 380 0.25 13.67 -15.92
N LYS A 381 -0.02 12.83 -14.91
CA LYS A 381 0.96 11.81 -14.57
C LYS A 381 0.94 10.61 -15.51
N GLU A 382 0.05 10.59 -16.50
CA GLU A 382 0.13 9.57 -17.55
C GLU A 382 1.46 9.64 -18.30
N LYS A 383 2.17 10.77 -18.22
CA LYS A 383 3.43 10.90 -18.92
C LYS A 383 4.46 9.87 -18.46
N TYR A 384 4.35 9.35 -17.23
CA TYR A 384 5.36 8.42 -16.72
C TYR A 384 5.19 7.00 -17.24
N ARG A 385 4.03 6.68 -17.83
CA ARG A 385 3.78 5.35 -18.39
C ARG A 385 3.98 4.24 -17.35
N LYS A 386 3.51 4.50 -16.15
CA LYS A 386 3.43 3.49 -15.10
C LYS A 386 2.24 3.84 -14.22
N PRO A 387 1.80 2.90 -13.38
CA PRO A 387 0.54 3.13 -12.65
C PRO A 387 0.63 4.33 -11.73
N HIS A 388 -0.54 4.90 -11.42
CA HIS A 388 -0.66 6.12 -10.63
C HIS A 388 -1.64 5.83 -9.51
N LEU A 389 -1.16 5.94 -8.27
CA LEU A 389 -1.99 5.72 -7.08
C LEU A 389 -2.16 7.06 -6.37
N VAL A 390 -3.41 7.47 -6.15
CA VAL A 390 -3.64 8.64 -5.33
C VAL A 390 -3.60 8.17 -3.87
N GLY A 391 -2.38 8.14 -3.30
CA GLY A 391 -2.13 7.46 -2.04
C GLY A 391 -2.61 8.19 -0.80
N GLU A 392 -2.85 9.51 -0.89
CA GLU A 392 -3.50 10.24 0.19
C GLU A 392 -4.45 11.28 -0.39
N PHE A 393 -5.60 11.42 0.26
CA PHE A 393 -6.58 12.40 -0.18
C PHE A 393 -7.41 12.88 0.99
N GLY A 394 -7.69 14.18 1.00
CA GLY A 394 -8.63 14.73 1.96
C GLY A 394 -9.00 16.14 1.58
N LEU A 395 -9.90 16.73 2.36
CA LEU A 395 -10.28 18.12 2.16
C LEU A 395 -9.17 19.06 2.63
N ASP A 396 -8.52 18.73 3.73
CA ASP A 396 -7.75 19.72 4.48
C ASP A 396 -6.75 18.96 5.33
N ALA A 397 -5.47 19.30 5.19
CA ALA A 397 -4.48 18.65 6.04
C ALA A 397 -4.74 18.93 7.51
N GLY A 398 -5.46 20.01 7.82
CA GLY A 398 -5.84 20.34 9.18
C GLY A 398 -7.02 19.57 9.75
N GLY A 399 -7.62 18.66 8.98
CA GLY A 399 -8.65 17.79 9.52
C GLY A 399 -10.06 18.33 9.49
N ASN A 400 -10.32 19.42 8.75
CA ASN A 400 -11.66 19.98 8.70
C ASN A 400 -12.71 18.94 8.31
N ASP A 401 -12.31 17.93 7.53
CA ASP A 401 -13.19 16.84 7.08
C ASP A 401 -14.07 16.31 8.19
N LEU A 402 -13.48 16.14 9.37
CA LEU A 402 -14.18 15.44 10.44
C LEU A 402 -15.43 16.20 10.90
N TRP A 403 -15.36 17.54 10.90
CA TRP A 403 -16.50 18.33 11.34
C TRP A 403 -17.41 18.74 10.19
N VAL A 404 -16.87 19.02 9.01
CA VAL A 404 -17.71 19.53 7.95
C VAL A 404 -18.34 18.45 7.08
N ASP A 405 -17.80 17.24 7.06
CA ASP A 405 -18.28 16.17 6.16
C ASP A 405 -18.46 14.84 6.90
N PRO A 406 -19.38 14.78 7.86
CA PRO A 406 -19.57 13.51 8.60
C PRO A 406 -20.09 12.36 7.75
N ASN A 407 -20.71 12.63 6.60
CA ASN A 407 -21.25 11.58 5.75
C ASN A 407 -20.26 11.05 4.73
N GLY A 408 -19.05 11.61 4.65
CA GLY A 408 -18.05 11.11 3.73
C GLY A 408 -18.27 11.45 2.27
N TYR A 409 -18.99 12.55 1.98
CA TYR A 409 -19.17 12.96 0.59
C TYR A 409 -17.84 13.27 -0.09
N VAL A 410 -16.87 13.81 0.66
CA VAL A 410 -15.58 14.14 0.07
C VAL A 410 -14.86 12.87 -0.39
N ILE A 411 -14.84 11.86 0.49
CA ILE A 411 -14.29 10.56 0.12
C ILE A 411 -15.04 9.98 -1.08
N HIS A 412 -16.37 9.94 -0.98
CA HIS A 412 -17.23 9.54 -2.07
C HIS A 412 -16.82 10.15 -3.41
N ASN A 413 -16.75 11.49 -3.46
CA ASN A 413 -16.41 12.18 -4.71
C ASN A 413 -15.05 11.74 -5.22
N ALA A 414 -14.07 11.63 -4.32
CA ALA A 414 -12.71 11.31 -4.73
C ALA A 414 -12.61 9.88 -5.26
N ILE A 415 -13.26 8.91 -4.60
CA ILE A 415 -13.06 7.54 -5.07
C ILE A 415 -13.73 7.31 -6.42
N TRP A 416 -14.88 7.94 -6.67
CA TRP A 416 -15.50 7.80 -8.01
C TRP A 416 -14.69 8.55 -9.06
N THR A 417 -14.20 9.74 -8.72
CA THR A 417 -13.42 10.51 -9.69
C THR A 417 -12.15 9.76 -10.09
N THR A 418 -11.44 9.20 -9.11
CA THR A 418 -10.15 8.62 -9.45
C THR A 418 -10.31 7.34 -10.26
N ILE A 419 -11.28 6.49 -9.90
CA ILE A 419 -11.48 5.24 -10.63
C ILE A 419 -11.88 5.50 -12.08
N LEU A 420 -12.77 6.45 -12.31
CA LEU A 420 -13.30 6.69 -13.65
C LEU A 420 -12.52 7.76 -14.41
N SER A 421 -11.37 8.18 -13.88
CA SER A 421 -10.44 9.02 -14.60
C SER A 421 -9.20 8.27 -15.06
N GLY A 422 -9.05 7.02 -14.67
CA GLY A 422 -7.94 6.20 -15.10
C GLY A 422 -6.83 5.98 -14.11
N ALA A 423 -7.00 6.37 -12.84
CA ALA A 423 -6.00 5.99 -11.84
C ALA A 423 -6.07 4.49 -11.56
N SER A 424 -5.00 3.97 -10.96
CA SER A 424 -4.90 2.53 -10.74
C SER A 424 -5.89 2.02 -9.70
N GLY A 425 -6.48 2.90 -8.90
CA GLY A 425 -7.40 2.49 -7.86
C GLY A 425 -8.05 3.71 -7.23
N THR A 426 -8.72 3.48 -6.11
CA THR A 426 -9.39 4.58 -5.41
C THR A 426 -8.38 5.57 -4.84
N ALA A 427 -8.78 6.84 -4.81
CA ALA A 427 -8.16 7.79 -3.89
C ALA A 427 -8.17 7.21 -2.48
N MET A 428 -7.05 7.34 -1.77
CA MET A 428 -6.91 6.71 -0.46
C MET A 428 -7.04 7.76 0.63
N SER A 429 -8.17 7.71 1.35
CA SER A 429 -8.50 8.69 2.38
C SER A 429 -7.54 8.61 3.56
N TRP A 430 -7.39 9.76 4.24
CA TRP A 430 -6.83 9.83 5.58
C TRP A 430 -7.95 9.57 6.58
N TRP A 431 -7.65 9.74 7.88
CA TRP A 431 -8.69 9.79 8.93
C TRP A 431 -9.40 8.45 9.12
N TRP A 432 -8.66 7.34 9.05
CA TRP A 432 -9.28 6.03 9.22
C TRP A 432 -9.86 5.86 10.62
N ASP A 433 -9.18 6.37 11.63
CA ASP A 433 -9.52 6.06 13.02
C ASP A 433 -10.54 7.02 13.61
N ASN A 434 -10.51 8.28 13.20
CA ASN A 434 -11.39 9.29 13.78
C ASN A 434 -12.48 9.74 12.81
N HIS A 435 -12.60 9.11 11.64
CA HIS A 435 -13.58 9.57 10.67
C HIS A 435 -14.23 8.39 9.97
N ILE A 436 -13.45 7.61 9.22
CA ILE A 436 -14.02 6.51 8.44
C ILE A 436 -14.70 5.50 9.35
N HIS A 437 -14.00 5.04 10.39
CA HIS A 437 -14.59 3.99 11.22
C HIS A 437 -15.74 4.50 12.09
N PRO A 438 -15.56 5.53 12.93
CA PRO A 438 -16.68 5.92 13.81
C PRO A 438 -17.91 6.39 13.04
N ASN A 439 -17.72 7.00 11.88
CA ASN A 439 -18.85 7.43 11.06
C ASN A 439 -19.36 6.33 10.14
N ASN A 440 -18.72 5.16 10.18
CA ASN A 440 -19.17 4.00 9.41
C ASN A 440 -19.30 4.35 7.93
N LEU A 441 -18.22 4.88 7.35
CA LEU A 441 -18.24 5.35 5.97
C LEU A 441 -17.88 4.27 4.97
N TYR A 442 -17.69 3.03 5.42
CA TYR A 442 -17.26 1.94 4.55
C TYR A 442 -18.23 1.69 3.40
N PHE A 443 -19.51 2.01 3.60
CA PHE A 443 -20.51 1.72 2.56
C PHE A 443 -20.18 2.44 1.25
N HIS A 444 -19.45 3.56 1.31
CA HIS A 444 -19.05 4.22 0.07
C HIS A 444 -18.19 3.30 -0.77
N TYR A 445 -17.24 2.59 -0.13
CA TYR A 445 -16.37 1.68 -0.84
C TYR A 445 -17.15 0.48 -1.37
N ARG A 446 -18.12 -0.03 -0.59
CA ARG A 446 -18.83 -1.21 -1.04
C ARG A 446 -19.61 -0.90 -2.31
N ALA A 447 -20.22 0.29 -2.37
CA ALA A 447 -20.96 0.68 -3.57
C ALA A 447 -20.03 0.79 -4.77
N LEU A 448 -18.84 1.39 -4.59
CA LEU A 448 -17.89 1.50 -5.69
C LEU A 448 -17.38 0.12 -6.10
N ALA A 449 -17.00 -0.71 -5.13
CA ALA A 449 -16.47 -2.04 -5.43
C ALA A 449 -17.48 -2.87 -6.22
N ASP A 450 -18.75 -2.82 -5.81
CA ASP A 450 -19.76 -3.59 -6.52
C ASP A 450 -20.00 -3.06 -7.92
N PHE A 451 -19.74 -1.77 -8.17
CA PHE A 451 -19.96 -1.22 -9.51
C PHE A 451 -18.89 -1.70 -10.47
N VAL A 452 -17.63 -1.75 -10.01
CA VAL A 452 -16.53 -2.13 -10.89
C VAL A 452 -16.22 -3.60 -10.83
N LYS A 453 -16.96 -4.36 -9.99
CA LYS A 453 -16.56 -5.71 -9.62
C LYS A 453 -16.31 -6.60 -10.83
N ASP A 454 -17.17 -6.53 -11.85
CA ASP A 454 -17.08 -7.44 -12.97
C ASP A 454 -16.46 -6.80 -14.22
N ILE A 455 -15.74 -5.69 -14.06
CA ILE A 455 -15.10 -5.00 -15.17
C ILE A 455 -13.62 -5.34 -15.17
N ASN A 456 -13.10 -5.78 -16.31
CA ASN A 456 -11.67 -6.11 -16.44
C ASN A 456 -10.96 -4.90 -17.04
N PHE A 457 -10.41 -4.06 -16.16
CA PHE A 457 -9.71 -2.87 -16.64
C PHE A 457 -8.49 -3.21 -17.48
N LEU A 458 -7.95 -4.43 -17.35
CA LEU A 458 -6.76 -4.81 -18.10
C LEU A 458 -7.06 -5.04 -19.57
N GLU A 459 -8.31 -5.31 -19.94
CA GLU A 459 -8.66 -5.58 -21.32
C GLU A 459 -9.56 -4.54 -21.95
N GLU A 460 -10.14 -3.64 -21.17
CA GLU A 460 -11.08 -2.69 -21.74
C GLU A 460 -10.38 -1.60 -22.57
N LYS A 461 -9.09 -1.40 -22.40
CA LYS A 461 -8.35 -0.33 -23.07
C LYS A 461 -9.06 1.02 -22.88
N PHE A 462 -9.46 1.28 -21.64
CA PHE A 462 -10.25 2.47 -21.32
C PHE A 462 -9.51 3.73 -21.73
N GLU A 463 -10.23 4.67 -22.34
CA GLU A 463 -9.77 6.04 -22.52
C GLU A 463 -10.76 6.97 -21.85
N ARG A 464 -10.27 8.13 -21.40
CA ARG A 464 -11.17 9.10 -20.82
C ARG A 464 -12.16 9.59 -21.87
N LEU A 465 -13.42 9.72 -21.45
CA LEU A 465 -14.50 10.13 -22.33
C LEU A 465 -14.24 11.55 -22.84
N THR A 466 -14.32 11.75 -24.16
CA THR A 466 -13.93 13.05 -24.68
C THR A 466 -14.95 13.72 -25.61
N ASN A 467 -15.71 12.94 -26.38
CA ASN A 467 -16.59 13.52 -27.42
C ASN A 467 -18.04 13.08 -27.20
N TYR A 468 -18.64 13.65 -26.16
CA TYR A 468 -20.03 13.48 -25.84
C TYR A 468 -20.74 14.81 -26.02
N LYS A 469 -22.06 14.77 -26.19
CA LYS A 469 -22.87 15.97 -26.14
C LYS A 469 -23.84 15.90 -24.97
N PHE A 470 -23.80 16.93 -24.14
CA PHE A 470 -24.61 17.01 -22.93
C PHE A 470 -25.85 17.84 -23.20
N ASN A 471 -27.02 17.28 -22.87
CA ASN A 471 -28.30 17.96 -23.06
C ASN A 471 -29.04 17.99 -21.72
N VAL A 472 -28.62 18.90 -20.85
CA VAL A 472 -29.25 19.13 -19.55
C VAL A 472 -29.58 20.60 -19.43
N TYR A 473 -30.79 20.90 -18.97
CA TYR A 473 -31.29 22.27 -18.98
C TYR A 473 -31.46 22.86 -17.58
N ASN A 474 -32.02 22.13 -16.63
CA ASN A 474 -32.33 22.77 -15.35
C ASN A 474 -31.18 22.75 -14.35
N ARG A 475 -30.00 22.27 -14.74
CA ARG A 475 -28.94 22.01 -13.77
C ARG A 475 -27.57 22.04 -14.44
N GLU A 476 -26.54 22.24 -13.62
CA GLU A 476 -25.15 22.20 -14.09
C GLU A 476 -24.58 20.83 -13.71
N ILE A 477 -24.76 19.88 -14.60
CA ILE A 477 -24.28 18.51 -14.43
C ILE A 477 -22.95 18.40 -15.14
N LYS A 478 -22.00 17.70 -14.51
CA LYS A 478 -20.74 17.37 -15.15
C LYS A 478 -20.59 15.86 -15.18
N VAL A 479 -19.68 15.40 -16.02
CA VAL A 479 -19.47 13.98 -16.25
C VAL A 479 -17.98 13.68 -16.25
N ILE A 480 -17.62 12.57 -15.61
CA ILE A 480 -16.30 11.97 -15.71
C ILE A 480 -16.51 10.53 -16.17
N GLY A 481 -15.83 10.14 -17.24
CA GLY A 481 -16.15 8.89 -17.89
C GLY A 481 -14.92 8.18 -18.44
N LEU A 482 -15.11 6.89 -18.65
CA LEU A 482 -14.18 6.03 -19.37
C LEU A 482 -14.91 5.39 -20.54
N GLN A 483 -14.25 5.34 -21.70
CA GLN A 483 -14.77 4.63 -22.86
C GLN A 483 -13.82 3.50 -23.21
N GLY A 484 -14.34 2.27 -23.21
CA GLY A 484 -13.53 1.11 -23.55
C GLY A 484 -14.07 0.24 -24.66
N LYS A 485 -13.56 -0.98 -24.78
CA LYS A 485 -13.96 -1.88 -25.86
C LYS A 485 -15.42 -2.29 -25.72
N LYS A 486 -15.81 -2.72 -24.53
CA LYS A 486 -17.14 -3.25 -24.29
C LYS A 486 -17.96 -2.41 -23.32
N TYR A 487 -17.33 -1.50 -22.57
CA TYR A 487 -18.05 -0.72 -21.57
C TYR A 487 -17.75 0.77 -21.70
N ILE A 488 -18.75 1.57 -21.34
CA ILE A 488 -18.56 2.98 -21.05
C ILE A 488 -19.04 3.22 -19.62
N LEU A 489 -18.16 3.78 -18.79
CA LEU A 489 -18.46 4.02 -17.38
C LEU A 489 -18.54 5.53 -17.15
N LEU A 490 -19.68 5.99 -16.62
CA LEU A 490 -19.92 7.40 -16.40
C LEU A 490 -20.20 7.65 -14.92
N TRP A 491 -19.60 8.70 -14.38
CA TRP A 491 -19.99 9.26 -13.10
C TRP A 491 -20.43 10.69 -13.37
N LEU A 492 -21.69 10.98 -13.11
CA LEU A 492 -22.27 12.30 -13.30
C LEU A 492 -22.44 12.95 -11.94
N TYR A 493 -22.14 14.23 -11.83
CA TYR A 493 -22.37 14.89 -10.56
C TYR A 493 -22.95 16.27 -10.78
N ASN A 494 -23.72 16.70 -9.79
CA ASN A 494 -24.24 18.07 -9.77
C ASN A 494 -23.17 18.99 -9.20
N ALA A 495 -22.65 19.91 -10.02
CA ALA A 495 -21.61 20.81 -9.54
C ALA A 495 -22.07 21.68 -8.39
N LYS A 496 -23.39 21.92 -8.28
CA LYS A 496 -23.93 22.75 -7.20
C LYS A 496 -24.14 21.96 -5.91
N GLU A 497 -24.25 20.64 -5.98
CA GLU A 497 -24.56 19.83 -4.80
C GLU A 497 -23.40 18.98 -4.34
N ALA A 498 -22.51 18.61 -5.24
CA ALA A 498 -21.42 17.68 -4.91
C ALA A 498 -20.49 18.24 -3.86
N TYR A 499 -20.40 19.56 -3.73
CA TYR A 499 -19.50 20.19 -2.76
C TYR A 499 -20.24 20.72 -1.54
N GLN A 500 -21.50 20.37 -1.37
CA GLN A 500 -22.28 20.70 -0.17
C GLN A 500 -22.43 19.43 0.67
N TYR A 501 -22.08 19.52 1.94
CA TYR A 501 -21.95 18.35 2.79
C TYR A 501 -22.95 18.29 3.93
N LYS A 502 -23.90 19.23 3.99
CA LYS A 502 -24.81 19.31 5.12
C LYS A 502 -26.03 18.40 5.00
N LYS A 503 -26.39 18.00 3.79
CA LYS A 503 -27.63 17.25 3.63
C LYS A 503 -27.44 15.76 3.92
N ASP A 504 -28.55 15.10 4.23
CA ASP A 504 -28.48 13.68 4.54
C ASP A 504 -28.20 12.87 3.27
N ILE A 505 -27.72 11.65 3.47
CA ILE A 505 -27.39 10.77 2.35
C ILE A 505 -28.61 10.64 1.44
N PRO A 506 -28.48 10.84 0.13
CA PRO A 506 -29.64 10.75 -0.75
C PRO A 506 -30.36 9.40 -0.63
N ASN A 507 -31.67 9.47 -0.40
CA ASN A 507 -32.58 8.33 -0.49
C ASN A 507 -33.44 8.62 -1.71
N MET A 508 -32.97 8.17 -2.86
CA MET A 508 -33.47 8.66 -4.14
C MET A 508 -34.58 7.75 -4.68
N ASP A 509 -35.79 8.32 -4.79
CA ASP A 509 -36.90 7.73 -5.52
C ASP A 509 -36.85 8.34 -6.92
N SER A 510 -35.95 7.80 -7.76
CA SER A 510 -35.48 8.49 -8.96
C SER A 510 -36.25 8.02 -10.19
N SER A 511 -37.39 8.65 -10.44
CA SER A 511 -38.15 8.26 -11.63
C SER A 511 -37.86 9.19 -12.82
N LYS A 512 -37.95 10.49 -12.61
CA LYS A 512 -38.17 11.43 -13.69
C LYS A 512 -36.99 11.56 -14.63
N PHE A 513 -37.30 11.89 -15.89
CA PHE A 513 -36.29 12.21 -16.89
C PHE A 513 -35.72 13.59 -16.62
N LEU A 514 -34.40 13.70 -16.69
CA LEU A 514 -33.70 14.95 -16.43
C LEU A 514 -33.11 15.55 -17.71
N GLY A 515 -32.41 14.74 -18.48
CA GLY A 515 -31.67 15.24 -19.61
C GLY A 515 -31.08 14.07 -20.35
N SER A 516 -30.03 14.32 -21.13
CA SER A 516 -29.49 13.23 -21.92
C SER A 516 -28.03 13.48 -22.24
N ILE A 517 -27.33 12.40 -22.54
CA ILE A 517 -25.95 12.46 -23.02
C ILE A 517 -25.87 11.60 -24.27
N GLU A 518 -25.34 12.17 -25.36
CA GLU A 518 -25.20 11.46 -26.62
C GLU A 518 -23.74 11.10 -26.80
N LEU A 519 -23.49 9.84 -27.16
CA LEU A 519 -22.13 9.30 -27.21
C LEU A 519 -21.89 8.67 -28.57
N LEU A 520 -20.63 8.70 -29.00
CA LEU A 520 -20.23 8.08 -30.27
C LEU A 520 -20.08 6.58 -30.02
N ILE A 521 -21.19 5.87 -30.18
CA ILE A 521 -21.24 4.42 -30.02
C ILE A 521 -22.20 3.85 -31.05
N LYS A 522 -22.13 2.53 -31.23
CA LYS A 522 -23.02 1.87 -32.16
C LYS A 522 -24.01 1.01 -31.39
N PRO A 523 -25.31 1.33 -31.48
CA PRO A 523 -26.33 0.50 -30.85
C PRO A 523 -26.27 -0.93 -31.35
N PRO A 524 -26.89 -1.89 -30.64
CA PRO A 524 -27.66 -1.67 -29.40
C PRO A 524 -26.75 -1.63 -28.18
N ILE A 525 -27.28 -1.11 -27.07
CA ILE A 525 -26.52 -1.02 -25.83
C ILE A 525 -27.47 -1.31 -24.68
N LYS A 526 -26.91 -1.78 -23.58
CA LYS A 526 -27.62 -1.88 -22.31
C LYS A 526 -27.11 -0.80 -21.37
N VAL A 527 -28.03 -0.04 -20.79
CA VAL A 527 -27.70 1.05 -19.89
C VAL A 527 -28.15 0.68 -18.50
N ILE A 528 -27.23 0.72 -17.55
CA ILE A 528 -27.52 0.44 -16.15
C ILE A 528 -27.33 1.72 -15.35
N TYR A 529 -28.35 2.11 -14.61
CA TYR A 529 -28.29 3.26 -13.71
C TYR A 529 -28.02 2.74 -12.30
N TYR A 530 -27.06 3.35 -11.62
CA TYR A 530 -26.49 2.78 -10.41
C TYR A 530 -26.52 3.82 -9.31
N ASP A 531 -27.17 3.48 -8.20
CA ASP A 531 -27.19 4.33 -7.01
C ASP A 531 -25.84 4.20 -6.31
N THR A 532 -25.07 5.30 -6.28
CA THR A 532 -23.72 5.26 -5.72
C THR A 532 -23.70 5.27 -4.19
N TYR A 533 -24.84 5.46 -3.54
CA TYR A 533 -24.86 5.46 -2.09
C TYR A 533 -25.42 4.15 -1.53
N ARG A 534 -26.53 3.67 -2.06
CA ARG A 534 -27.02 2.35 -1.68
C ARG A 534 -26.25 1.24 -2.36
N GLY A 535 -25.52 1.55 -3.43
CA GLY A 535 -24.79 0.53 -4.15
C GLY A 535 -25.68 -0.48 -4.81
N GLU A 536 -26.60 -0.03 -5.65
CA GLU A 536 -27.49 -0.98 -6.32
C GLU A 536 -28.02 -0.38 -7.62
N LYS A 537 -28.40 -1.27 -8.51
CA LYS A 537 -29.04 -0.87 -9.76
C LYS A 537 -30.36 -0.18 -9.47
N ILE A 538 -30.54 0.99 -10.09
CA ILE A 538 -31.81 1.73 -10.01
C ILE A 538 -32.73 1.33 -11.16
N LYS A 539 -32.14 1.07 -12.32
CA LYS A 539 -32.90 0.96 -13.55
C LYS A 539 -31.98 0.40 -14.61
N GLU A 540 -32.54 -0.38 -15.51
CA GLU A 540 -31.83 -0.98 -16.62
C GLU A 540 -32.62 -0.70 -17.89
N LEU A 541 -31.91 -0.41 -18.98
CA LEU A 541 -32.58 0.08 -20.17
C LEU A 541 -31.84 -0.38 -21.41
N ASP A 542 -32.55 -1.06 -22.32
CA ASP A 542 -32.00 -1.44 -23.62
C ASP A 542 -32.31 -0.34 -24.63
N LEU A 543 -31.29 0.07 -25.39
CA LEU A 543 -31.41 1.19 -26.31
C LEU A 543 -30.97 0.80 -27.72
N ASP A 544 -31.59 1.46 -28.71
CA ASP A 544 -31.25 1.31 -30.12
C ASP A 544 -30.66 2.58 -30.70
N LYS A 545 -30.40 3.58 -29.87
CA LYS A 545 -29.85 4.86 -30.32
C LYS A 545 -28.78 5.31 -29.34
N ASN A 546 -27.94 6.23 -29.79
CA ASN A 546 -26.83 6.72 -28.99
C ASN A 546 -27.24 7.86 -28.05
N VAL A 547 -28.53 8.06 -27.81
CA VAL A 547 -29.02 9.10 -26.91
C VAL A 547 -29.41 8.43 -25.61
N ILE A 548 -28.59 8.60 -24.58
CA ILE A 548 -28.76 7.94 -23.30
C ILE A 548 -29.46 8.90 -22.36
N PRO A 549 -30.66 8.60 -21.88
CA PRO A 549 -31.31 9.49 -20.92
C PRO A 549 -30.58 9.50 -19.59
N ILE A 550 -30.60 10.67 -18.95
CA ILE A 550 -30.14 10.84 -17.58
C ILE A 550 -31.37 11.02 -16.71
N ILE A 551 -31.57 10.11 -15.76
CA ILE A 551 -32.69 10.21 -14.84
C ILE A 551 -32.32 11.21 -13.75
N GLU A 552 -33.31 11.66 -12.99
CA GLU A 552 -33.06 12.61 -11.92
C GLU A 552 -32.20 11.97 -10.85
N PHE A 553 -31.32 12.78 -10.26
CA PHE A 553 -30.50 12.37 -9.14
C PHE A 553 -30.19 13.61 -8.32
N GLU A 554 -29.86 13.40 -7.06
CA GLU A 554 -29.68 14.50 -6.12
C GLU A 554 -28.26 15.08 -6.20
N ARG A 555 -27.26 14.23 -5.99
CA ARG A 555 -25.85 14.62 -5.93
C ARG A 555 -25.07 14.07 -7.11
N ASP A 556 -25.08 12.74 -7.28
CA ASP A 556 -24.29 12.11 -8.31
C ASP A 556 -24.90 10.77 -8.65
N LEU A 557 -24.49 10.23 -9.79
CA LEU A 557 -25.12 9.07 -10.36
C LEU A 557 -24.09 8.34 -11.21
N ALA A 558 -24.03 7.02 -11.08
CA ALA A 558 -23.19 6.22 -11.96
C ALA A 558 -24.04 5.56 -13.03
N ILE A 559 -23.46 5.44 -14.23
CA ILE A 559 -24.10 4.76 -15.35
C ILE A 559 -23.08 3.80 -15.96
N LYS A 560 -23.47 2.54 -16.11
CA LYS A 560 -22.67 1.54 -16.79
C LYS A 560 -23.34 1.19 -18.12
N ILE A 561 -22.60 1.33 -19.22
CA ILE A 561 -23.15 1.13 -20.56
C ILE A 561 -22.39 -0.01 -21.22
N GLU A 562 -23.11 -1.06 -21.59
CA GLU A 562 -22.50 -2.22 -22.24
C GLU A 562 -22.75 -2.13 -23.74
N LEU A 563 -21.67 -2.19 -24.52
CA LEU A 563 -21.76 -2.15 -25.97
C LEU A 563 -22.08 -3.55 -26.48
N LEU A 564 -23.22 -3.68 -27.16
CA LEU A 564 -23.68 -4.99 -27.63
C LEU A 564 -23.52 -5.12 -29.15
C1 BMA B . 1.56 19.03 5.77
C2 BMA B . 1.45 18.28 7.08
C3 BMA B . 1.59 16.81 6.79
C4 BMA B . 0.56 16.36 5.76
C5 BMA B . 0.73 17.21 4.51
C6 BMA B . -0.21 16.85 3.36
O1 BMA B . 1.31 20.40 6.01
O2 BMA B . 0.14 18.49 7.63
O3 BMA B . 1.37 16.05 8.00
O4 BMA B . 0.88 14.97 5.57
O5 BMA B . 0.53 18.60 4.85
O6 BMA B . 0.10 17.72 2.26
C1 BMA B . -0.18 14.07 5.23
C2 BMA B . 0.01 12.72 5.93
C3 BMA B . 0.05 12.88 7.44
C4 BMA B . -1.01 13.91 7.86
C5 BMA B . -2.05 14.05 6.75
C6 BMA B . -3.22 14.92 7.19
O2 BMA B . 1.15 12.04 5.41
O3 BMA B . 1.37 13.33 7.83
O4 BMA B . -1.76 13.44 8.98
O5 BMA B . -1.46 14.63 5.58
O6 BMA B . -2.65 16.15 7.66
C1 BMA B . -1.16 13.77 10.23
C2 BMA B . -2.16 13.53 11.34
C3 BMA B . -1.50 13.70 12.71
C4 BMA B . -0.16 12.98 12.82
C5 BMA B . 0.70 13.32 11.59
C6 BMA B . 2.05 12.63 11.53
O2 BMA B . -2.67 12.20 11.21
O3 BMA B . -2.43 13.19 13.69
O4 BMA B . 0.53 13.39 14.02
O5 BMA B . 0.00 12.95 10.42
O6 BMA B . 2.70 13.11 10.34
C1 BMA B . 1.01 12.30 14.81
C2 BMA B . 1.94 12.89 15.85
C3 BMA B . 2.31 11.81 16.84
C4 BMA B . 1.07 11.18 17.40
C5 BMA B . 0.32 10.53 16.24
C6 BMA B . -0.91 9.79 16.70
O2 BMA B . 1.20 13.94 16.49
O3 BMA B . 3.06 12.38 17.92
O4 BMA B . 1.50 10.22 18.40
O5 BMA B . -0.10 11.62 15.40
O6 BMA B . -1.81 10.82 17.12
C1 BMA C . -13.84 1.71 19.08
C2 BMA C . -13.17 1.79 20.45
C3 BMA C . -11.77 2.38 20.33
C4 BMA C . -10.97 1.64 19.26
C5 BMA C . -11.76 1.66 17.95
C6 BMA C . -11.01 0.92 16.86
O1 BMA C . -15.13 1.07 19.16
O2 BMA C . -13.08 0.49 21.06
O3 BMA C . -11.07 2.29 21.57
O4 BMA C . -9.67 2.24 19.12
O5 BMA C . -13.01 1.00 18.15
O6 BMA C . -10.94 -0.46 17.25
C1 MLT D . -8.99 16.37 17.28
O1 MLT D . -9.91 15.87 17.94
O2 MLT D . -8.37 17.34 17.74
C2 MLT D . -8.60 15.81 15.93
O3 MLT D . -8.34 14.44 16.06
C3 MLT D . -7.32 16.49 15.45
C4 MLT D . -7.17 16.39 13.94
O4 MLT D . -8.06 15.87 13.25
O5 MLT D . -6.14 16.86 13.38
C1 MLT E . -4.60 1.87 -23.54
O1 MLT E . -5.29 1.55 -22.55
O2 MLT E . -5.00 2.81 -24.28
C2 MLT E . -3.33 1.13 -23.85
O3 MLT E . -3.67 -0.14 -24.36
C3 MLT E . -2.47 0.93 -22.60
C4 MLT E . -1.15 0.31 -22.99
O4 MLT E . -0.44 -0.30 -22.14
O5 MLT E . -0.75 0.39 -24.17
O1 PG4 F . -2.58 -17.67 12.12
C1 PG4 F . -3.04 -17.18 13.35
C2 PG4 F . -2.13 -16.08 13.90
O2 PG4 F . -1.91 -15.03 12.99
C3 PG4 F . -3.06 -14.50 12.38
C4 PG4 F . -3.63 -13.26 13.09
O3 PG4 F . -4.96 -13.09 12.65
C5 PG4 F . -5.95 -13.24 13.64
C6 PG4 F . -7.31 -13.51 12.99
O4 PG4 F . -7.80 -14.75 13.43
C7 PG4 F . -8.62 -15.43 12.52
C8 PG4 F . -8.67 -16.92 12.88
O5 PG4 F . -7.92 -17.69 11.97
C1 PGE G . 9.51 -12.30 -10.31
O1 PGE G . 9.72 -11.19 -11.17
C2 PGE G . 10.83 -12.62 -9.62
O2 PGE G . 10.84 -13.97 -9.24
C3 PGE G . 11.86 -14.73 -9.84
C4 PGE G . 11.73 -16.14 -9.32
O4 PGE G . 8.74 -18.41 -12.21
C6 PGE G . 9.97 -18.43 -11.51
C5 PGE G . 10.30 -17.03 -11.02
O3 PGE G . 11.57 -17.05 -10.40
C1 PGE H . 13.11 -20.38 27.03
O1 PGE H . 11.95 -20.56 27.84
C2 PGE H . 12.81 -20.99 25.66
O2 PGE H . 13.53 -20.29 24.65
C3 PGE H . 13.29 -20.82 23.35
C4 PGE H . 12.47 -19.84 22.53
O4 PGE H . 8.53 -20.86 22.57
C6 PGE H . 8.86 -19.48 22.39
C5 PGE H . 10.25 -19.39 21.79
O3 PGE H . 11.12 -20.28 22.47
C1 PGE I . 8.11 20.73 -4.36
O1 PGE I . 8.44 21.54 -5.48
C2 PGE I . 9.08 20.98 -3.22
O2 PGE I . 10.26 20.25 -3.44
C3 PGE I . 11.19 20.28 -2.37
C4 PGE I . 12.45 20.98 -2.83
O4 PGE I . 13.42 20.72 -6.98
C6 PGE I . 14.38 20.75 -5.93
C5 PGE I . 13.80 21.44 -4.71
O3 PGE I . 12.73 20.68 -4.19
#